data_7V6V
#
_entry.id   7V6V
#
loop_
_entity.id
_entity.type
_entity.pdbx_description
1 polymer "DNA (5'-D(*CP*AP*GP*GP*GP*AP*GP*GP*GP*T)-3')"
2 polymer "DNA (5'-D(*TP*GP*GP*GP*A)-3')"
#
loop_
_entity_poly.entity_id
_entity_poly.type
_entity_poly.pdbx_seq_one_letter_code
_entity_poly.pdbx_strand_id
1 'polydeoxyribonucleotide' (DC)(DA)(DG)(DG)(DG)(DA)(DG)(DG)(DG)(DT) A
2 'polydeoxyribonucleotide' (DT)(DG)(DG)(DG)(DA) B,C
#
loop_
_chem_comp.id
_chem_comp.type
_chem_comp.name
_chem_comp.formula
DA DNA linking 2'-DEOXYADENOSINE-5'-MONOPHOSPHATE 'C10 H14 N5 O6 P'
DC DNA linking 2'-DEOXYCYTIDINE-5'-MONOPHOSPHATE 'C9 H14 N3 O7 P'
DG DNA linking 2'-DEOXYGUANOSINE-5'-MONOPHOSPHATE 'C10 H14 N5 O7 P'
DT DNA linking THYMIDINE-5'-MONOPHOSPHATE 'C10 H15 N2 O8 P'
#